data_1TIQ
#
_entry.id   1TIQ
#
_cell.length_a   39.870
_cell.length_b   135.825
_cell.length_c   132.395
_cell.angle_alpha   90.00
_cell.angle_beta   90.00
_cell.angle_gamma   90.00
#
_symmetry.space_group_name_H-M   'C 2 2 21'
#
loop_
_entity.id
_entity.type
_entity.pdbx_description
1 polymer 'Protease synthase and sporulation negative regulatory protein PAI 1'
2 non-polymer 'COENZYME A'
3 non-polymer 2,3-DIHYDROXY-1,4-DITHIOBUTANE
4 non-polymer 'SULFATE ION'
5 water water
#
_entity_poly.entity_id   1
_entity_poly.type   'polypeptide(L)'
_entity_poly.pdbx_seq_one_letter_code
;MSVK(MSE)KKCSREDLQTLQQLSIETFNDTFKEQNSPEN(MSE)KAYLESAFNTEQLEKELSN(MSE)SSQFFFIYFDH
EIAGYVKVNIDDAQSEE(MSE)GAESLEIERIYIKNSFQKHGLGKHLLNKAIEIALERNKKNIWLGVWEKNENAIAFYKK
(MSE)GFVQTGAHSFY(MSE)GDEEQTDLI(MSE)AKTLILEHHHHHH
;
_entity_poly.pdbx_strand_id   A,B
#
loop_
_chem_comp.id
_chem_comp.type
_chem_comp.name
_chem_comp.formula
COA non-polymer 'COENZYME A' 'C21 H36 N7 O16 P3 S'
DTT non-polymer 2,3-DIHYDROXY-1,4-DITHIOBUTANE 'C4 H10 O2 S2'
SO4 non-polymer 'SULFATE ION' 'O4 S -2'
#
# COMPACT_ATOMS: atom_id res chain seq x y z
N SER A 2 -18.09 30.03 7.31
CA SER A 2 -16.70 29.55 7.03
C SER A 2 -16.60 28.05 7.31
N VAL A 3 -15.50 27.43 6.88
CA VAL A 3 -15.29 26.00 7.09
C VAL A 3 -14.40 25.76 8.31
N LYS A 4 -14.80 24.83 9.17
CA LYS A 4 -14.03 24.50 10.34
C LYS A 4 -14.16 23.02 10.67
N MSE A 5 -13.12 22.45 11.25
CA MSE A 5 -13.13 21.05 11.64
C MSE A 5 -12.78 20.95 13.10
O MSE A 5 -12.03 21.77 13.64
CB MSE A 5 -12.13 20.24 10.80
CG MSE A 5 -12.58 19.98 9.37
SE MSE A 5 -11.29 18.98 8.37
CE MSE A 5 -10.23 20.47 7.75
N LYS A 6 -13.36 19.95 13.77
CA LYS A 6 -13.13 19.73 15.19
C LYS A 6 -12.98 18.25 15.50
N LYS A 7 -12.04 17.92 16.38
CA LYS A 7 -11.82 16.54 16.77
C LYS A 7 -12.97 16.13 17.69
N CYS A 8 -13.56 14.97 17.44
CA CYS A 8 -14.69 14.50 18.24
C CYS A 8 -14.28 14.00 19.63
N SER A 9 -15.10 14.33 20.62
CA SER A 9 -14.85 13.90 21.99
C SER A 9 -16.00 13.04 22.47
N ARG A 10 -15.92 12.62 23.72
CA ARG A 10 -16.95 11.78 24.31
C ARG A 10 -18.32 12.45 24.26
N GLU A 11 -18.35 13.77 24.42
CA GLU A 11 -19.62 14.49 24.40
C GLU A 11 -20.26 14.57 23.01
N ASP A 12 -19.49 14.24 21.98
CA ASP A 12 -19.99 14.27 20.61
C ASP A 12 -20.61 12.95 20.19
N LEU A 13 -20.65 11.99 21.12
CA LEU A 13 -21.19 10.66 20.84
C LEU A 13 -22.56 10.64 20.19
N GLN A 14 -23.52 11.35 20.77
CA GLN A 14 -24.87 11.38 20.23
C GLN A 14 -24.94 11.99 18.84
N THR A 15 -24.23 13.10 18.64
CA THR A 15 -24.22 13.76 17.34
C THR A 15 -23.54 12.86 16.31
N LEU A 16 -22.41 12.27 16.69
CA LEU A 16 -21.69 11.38 15.79
C LEU A 16 -22.58 10.22 15.37
N GLN A 17 -23.31 9.66 16.33
CA GLN A 17 -24.20 8.53 16.05
C GLN A 17 -25.28 8.87 15.03
N GLN A 18 -25.91 10.03 15.20
CA GLN A 18 -26.97 10.43 14.28
C GLN A 18 -26.42 10.72 12.88
N LEU A 19 -25.29 11.41 12.84
CA LEU A 19 -24.67 11.75 11.55
C LEU A 19 -24.21 10.47 10.85
N SER A 20 -23.66 9.54 11.63
CA SER A 20 -23.19 8.26 11.07
C SER A 20 -24.34 7.47 10.43
N ILE A 21 -25.46 7.39 11.14
CA ILE A 21 -26.62 6.66 10.65
C ILE A 21 -27.20 7.26 9.37
N GLU A 22 -27.42 8.58 9.38
CA GLU A 22 -27.98 9.27 8.21
C GLU A 22 -27.13 9.14 6.96
N THR A 23 -25.85 9.45 7.08
CA THR A 23 -24.95 9.38 5.92
C THR A 23 -24.74 7.95 5.43
N PHE A 24 -24.66 6.99 6.34
CA PHE A 24 -24.45 5.61 5.93
C PHE A 24 -25.71 5.07 5.24
N ASN A 25 -26.87 5.33 5.84
CA ASN A 25 -28.12 4.87 5.26
C ASN A 25 -28.25 5.40 3.84
N ASP A 26 -28.02 6.70 3.68
CA ASP A 26 -28.14 7.33 2.37
C ASP A 26 -27.08 6.88 1.38
N THR A 27 -26.17 6.00 1.80
CA THR A 27 -25.12 5.53 0.91
C THR A 27 -25.28 4.07 0.47
N PHE A 28 -25.86 3.23 1.32
CA PHE A 28 -26.05 1.81 0.99
C PHE A 28 -27.52 1.39 1.01
N LYS A 29 -28.42 2.37 1.14
CA LYS A 29 -29.86 2.13 1.21
C LYS A 29 -30.46 1.48 -0.01
N GLU A 30 -30.00 1.89 -1.19
CA GLU A 30 -30.52 1.37 -2.44
C GLU A 30 -30.14 -0.07 -2.77
N GLN A 31 -28.95 -0.50 -2.34
CA GLN A 31 -28.49 -1.86 -2.64
C GLN A 31 -28.61 -2.84 -1.48
N ASN A 32 -29.45 -2.54 -0.50
CA ASN A 32 -29.62 -3.42 0.66
C ASN A 32 -31.05 -3.49 1.16
N SER A 33 -31.42 -4.60 1.78
CA SER A 33 -32.78 -4.72 2.30
C SER A 33 -32.93 -3.91 3.57
N PRO A 34 -34.13 -3.36 3.82
CA PRO A 34 -34.38 -2.55 5.02
C PRO A 34 -34.04 -3.34 6.28
N GLU A 35 -34.27 -4.64 6.23
CA GLU A 35 -34.01 -5.53 7.35
C GLU A 35 -32.50 -5.63 7.64
N ASN A 36 -31.72 -5.76 6.58
CA ASN A 36 -30.27 -5.85 6.73
C ASN A 36 -29.71 -4.50 7.17
N MSE A 37 -30.28 -3.41 6.64
CA MSE A 37 -29.82 -2.07 7.01
C MSE A 37 -30.11 -1.78 8.49
O MSE A 37 -29.26 -1.23 9.19
CB MSE A 37 -30.48 -1.01 6.15
CG MSE A 37 -30.13 0.43 6.54
SE MSE A 37 -28.25 0.82 6.25
CE MSE A 37 -28.14 0.35 4.38
N LYS A 38 -31.30 -2.13 8.94
CA LYS A 38 -31.67 -1.89 10.34
C LYS A 38 -30.73 -2.63 11.27
N ALA A 39 -30.46 -3.89 10.97
CA ALA A 39 -29.57 -4.71 11.79
C ALA A 39 -28.14 -4.14 11.85
N TYR A 40 -27.61 -3.75 10.70
CA TYR A 40 -26.26 -3.21 10.65
C TYR A 40 -26.15 -1.88 11.39
N LEU A 41 -27.10 -0.97 11.13
CA LEU A 41 -27.12 0.33 11.78
C LEU A 41 -27.09 0.17 13.30
N GLU A 42 -27.83 -0.80 13.81
CA GLU A 42 -27.88 -1.04 15.24
C GLU A 42 -26.59 -1.66 15.79
N SER A 43 -25.90 -2.45 14.99
CA SER A 43 -24.68 -3.08 15.44
C SER A 43 -23.43 -2.23 15.20
N ALA A 44 -23.51 -1.32 14.24
CA ALA A 44 -22.36 -0.48 13.93
C ALA A 44 -22.38 0.88 14.62
N PHE A 45 -23.58 1.44 14.78
CA PHE A 45 -23.67 2.76 15.37
C PHE A 45 -24.40 2.88 16.70
N ASN A 46 -24.53 1.77 17.42
CA ASN A 46 -25.18 1.84 18.71
C ASN A 46 -24.23 2.62 19.62
N THR A 47 -24.80 3.20 20.67
CA THR A 47 -24.07 4.02 21.63
C THR A 47 -22.78 3.39 22.15
N GLU A 48 -22.85 2.12 22.52
CA GLU A 48 -21.69 1.41 23.07
C GLU A 48 -20.57 1.21 22.08
N GLN A 49 -20.92 0.83 20.84
CA GLN A 49 -19.90 0.60 19.82
C GLN A 49 -19.15 1.90 19.52
N LEU A 50 -19.88 2.98 19.24
CA LEU A 50 -19.24 4.25 18.93
C LEU A 50 -18.47 4.81 20.13
N GLU A 51 -18.96 4.56 21.34
CA GLU A 51 -18.27 5.02 22.53
C GLU A 51 -16.90 4.34 22.60
N LYS A 52 -16.86 3.06 22.26
CA LYS A 52 -15.61 2.29 22.27
C LYS A 52 -14.64 2.85 21.23
N GLU A 53 -15.15 3.06 20.01
CA GLU A 53 -14.33 3.59 18.92
C GLU A 53 -13.80 4.98 19.25
N LEU A 54 -14.63 5.82 19.86
CA LEU A 54 -14.20 7.16 20.21
C LEU A 54 -13.10 7.12 21.27
N SER A 55 -13.13 6.11 22.13
CA SER A 55 -12.14 5.93 23.19
C SER A 55 -10.88 5.18 22.75
N ASN A 56 -10.88 4.68 21.52
CA ASN A 56 -9.73 3.94 21.00
C ASN A 56 -8.57 4.91 20.74
N MSE A 57 -7.43 4.65 21.38
CA MSE A 57 -6.25 5.49 21.21
C MSE A 57 -5.75 5.57 19.78
O MSE A 57 -5.13 6.55 19.38
CB MSE A 57 -5.11 4.97 22.10
CG MSE A 57 -5.42 4.98 23.58
SE MSE A 57 -3.84 4.48 24.57
CE MSE A 57 -2.66 5.70 23.76
N SER A 58 -6.01 4.53 19.00
CA SER A 58 -5.54 4.46 17.63
C SER A 58 -6.55 4.89 16.56
N SER A 59 -7.65 5.48 17.02
CA SER A 59 -8.71 5.97 16.15
C SER A 59 -8.97 7.44 16.46
N GLN A 60 -9.42 8.17 15.45
CA GLN A 60 -9.70 9.58 15.62
C GLN A 60 -10.84 9.98 14.68
N PHE A 61 -11.80 10.72 15.22
CA PHE A 61 -12.94 11.20 14.46
C PHE A 61 -12.89 12.71 14.39
N PHE A 62 -13.28 13.28 13.25
CA PHE A 62 -13.30 14.73 13.07
C PHE A 62 -14.60 15.16 12.40
N PHE A 63 -15.23 16.21 12.92
CA PHE A 63 -16.45 16.73 12.30
C PHE A 63 -16.02 17.89 11.41
N ILE A 64 -16.76 18.12 10.32
CA ILE A 64 -16.47 19.27 9.48
C ILE A 64 -17.75 20.09 9.49
N TYR A 65 -17.59 21.41 9.61
CA TYR A 65 -18.73 22.32 9.67
C TYR A 65 -18.67 23.38 8.59
N PHE A 66 -19.85 23.86 8.20
CA PHE A 66 -19.96 24.93 7.22
C PHE A 66 -21.00 25.89 7.80
N ASP A 67 -20.56 27.10 8.14
CA ASP A 67 -21.44 28.10 8.72
C ASP A 67 -22.03 27.62 10.05
N HIS A 68 -21.20 26.94 10.84
CA HIS A 68 -21.59 26.43 12.16
C HIS A 68 -22.51 25.21 12.10
N GLU A 69 -22.78 24.72 10.89
CA GLU A 69 -23.64 23.56 10.72
C GLU A 69 -22.84 22.30 10.38
N ILE A 70 -23.14 21.20 11.06
CA ILE A 70 -22.45 19.93 10.82
C ILE A 70 -22.69 19.44 9.40
N ALA A 71 -21.60 19.26 8.66
CA ALA A 71 -21.70 18.83 7.26
C ALA A 71 -21.19 17.42 6.97
N GLY A 72 -20.44 16.84 7.89
CA GLY A 72 -19.94 15.50 7.66
C GLY A 72 -18.84 15.12 8.62
N TYR A 73 -18.23 13.96 8.43
CA TYR A 73 -17.17 13.54 9.32
C TYR A 73 -16.23 12.56 8.65
N VAL A 74 -15.10 12.32 9.32
CA VAL A 74 -14.11 11.38 8.84
C VAL A 74 -13.60 10.61 10.07
N LYS A 75 -13.30 9.33 9.87
CA LYS A 75 -12.73 8.50 10.93
C LYS A 75 -11.46 7.89 10.38
N VAL A 76 -10.36 8.09 11.10
CA VAL A 76 -9.08 7.53 10.68
C VAL A 76 -8.56 6.54 11.72
N ASN A 77 -7.80 5.54 11.26
CA ASN A 77 -7.22 4.51 12.12
C ASN A 77 -5.73 4.36 11.83
N ILE A 78 -4.98 3.98 12.84
CA ILE A 78 -3.56 3.71 12.68
C ILE A 78 -3.32 2.43 13.47
N ASP A 79 -2.17 1.81 13.21
CA ASP A 79 -1.79 0.58 13.89
C ASP A 79 -2.90 -0.47 13.94
N ASP A 80 -3.16 -1.00 15.15
CA ASP A 80 -4.16 -2.05 15.33
C ASP A 80 -5.62 -1.64 15.13
N ALA A 81 -5.86 -0.34 15.02
CA ALA A 81 -7.23 0.13 14.83
C ALA A 81 -7.68 0.01 13.38
N GLN A 82 -6.74 -0.20 12.45
CA GLN A 82 -7.08 -0.32 11.02
C GLN A 82 -7.96 -1.55 10.76
N SER A 83 -8.91 -1.43 9.83
CA SER A 83 -9.82 -2.55 9.51
C SER A 83 -9.14 -3.70 8.79
N GLU A 84 -7.88 -3.49 8.42
CA GLU A 84 -7.06 -4.50 7.75
C GLU A 84 -5.69 -4.35 8.39
N GLU A 85 -5.01 -5.47 8.60
CA GLU A 85 -3.68 -5.46 9.21
C GLU A 85 -2.63 -4.94 8.22
N MSE A 86 -2.57 -3.63 8.05
CA MSE A 86 -1.63 -3.01 7.11
C MSE A 86 -0.29 -2.64 7.74
O MSE A 86 0.66 -2.32 7.03
CB MSE A 86 -2.26 -1.77 6.47
CG MSE A 86 -3.50 -2.08 5.65
SE MSE A 86 -3.18 -3.34 4.22
CE MSE A 86 -4.41 -2.63 2.90
N GLY A 87 -0.21 -2.68 9.06
CA GLY A 87 1.06 -2.35 9.71
C GLY A 87 1.12 -1.03 10.44
N ALA A 88 2.28 -0.75 11.03
CA ALA A 88 2.48 0.48 11.80
C ALA A 88 3.04 1.64 11.00
N GLU A 89 3.03 1.53 9.67
CA GLU A 89 3.56 2.60 8.84
C GLU A 89 2.47 3.17 7.94
N SER A 90 1.22 2.86 8.25
CA SER A 90 0.11 3.34 7.44
C SER A 90 -1.03 3.93 8.25
N LEU A 91 -1.90 4.68 7.57
CA LEU A 91 -3.07 5.26 8.21
C LEU A 91 -4.24 4.92 7.30
N GLU A 92 -5.37 4.58 7.89
CA GLU A 92 -6.55 4.23 7.11
C GLU A 92 -7.65 5.28 7.25
N ILE A 93 -8.32 5.60 6.14
CA ILE A 93 -9.47 6.50 6.17
C ILE A 93 -10.56 5.43 6.14
N GLU A 94 -11.12 5.10 7.30
CA GLU A 94 -12.14 4.08 7.38
C GLU A 94 -13.51 4.58 6.96
N ARG A 95 -13.83 5.81 7.37
CA ARG A 95 -15.10 6.44 7.05
C ARG A 95 -14.91 7.89 6.67
N ILE A 96 -15.64 8.34 5.65
CA ILE A 96 -15.59 9.72 5.21
C ILE A 96 -16.93 9.98 4.56
N TYR A 97 -17.68 10.91 5.17
CA TYR A 97 -19.03 11.22 4.71
C TYR A 97 -19.39 12.67 4.77
N ILE A 98 -20.03 13.15 3.70
CA ILE A 98 -20.51 14.52 3.66
C ILE A 98 -22.01 14.40 3.40
N LYS A 99 -22.80 15.15 4.16
CA LYS A 99 -24.25 15.13 3.98
C LYS A 99 -24.57 15.53 2.56
N ASN A 100 -25.51 14.84 1.93
CA ASN A 100 -25.88 15.14 0.55
C ASN A 100 -25.96 16.61 0.19
N SER A 101 -26.68 17.40 0.99
CA SER A 101 -26.83 18.82 0.69
C SER A 101 -25.54 19.64 0.79
N PHE A 102 -24.52 19.07 1.43
CA PHE A 102 -23.24 19.79 1.57
C PHE A 102 -22.15 19.29 0.61
N GLN A 103 -22.49 18.30 -0.22
CA GLN A 103 -21.53 17.74 -1.17
C GLN A 103 -21.21 18.72 -2.31
N LYS A 104 -20.12 18.47 -3.00
CA LYS A 104 -19.68 19.30 -4.14
C LYS A 104 -19.29 20.73 -3.76
N HIS A 105 -18.77 20.91 -2.55
CA HIS A 105 -18.35 22.23 -2.08
C HIS A 105 -16.95 22.22 -1.49
N GLY A 106 -16.20 21.15 -1.76
CA GLY A 106 -14.85 21.07 -1.24
C GLY A 106 -14.71 20.52 0.17
N LEU A 107 -15.81 20.13 0.81
CA LEU A 107 -15.73 19.61 2.18
C LEU A 107 -15.12 18.21 2.27
N GLY A 108 -15.36 17.38 1.26
CA GLY A 108 -14.77 16.05 1.26
C GLY A 108 -13.27 16.19 1.14
N LYS A 109 -12.83 17.10 0.28
CA LYS A 109 -11.41 17.35 0.09
C LYS A 109 -10.77 17.78 1.40
N HIS A 110 -11.44 18.66 2.14
CA HIS A 110 -10.95 19.14 3.43
C HIS A 110 -10.76 17.96 4.39
N LEU A 111 -11.75 17.09 4.47
CA LEU A 111 -11.65 15.93 5.36
C LEU A 111 -10.53 14.99 4.96
N LEU A 112 -10.40 14.75 3.66
CA LEU A 112 -9.35 13.84 3.20
C LEU A 112 -7.97 14.44 3.44
N ASN A 113 -7.81 15.73 3.19
CA ASN A 113 -6.52 16.37 3.40
C ASN A 113 -6.17 16.43 4.87
N LYS A 114 -7.19 16.40 5.72
CA LYS A 114 -6.97 16.40 7.16
C LYS A 114 -6.41 15.02 7.49
N ALA A 115 -6.97 13.98 6.86
CA ALA A 115 -6.49 12.61 7.11
C ALA A 115 -5.04 12.49 6.65
N ILE A 116 -4.71 13.17 5.54
CA ILE A 116 -3.35 13.14 5.02
C ILE A 116 -2.42 13.87 5.99
N GLU A 117 -2.90 14.97 6.54
CA GLU A 117 -2.13 15.78 7.47
C GLU A 117 -1.84 14.96 8.73
N ILE A 118 -2.83 14.22 9.19
CA ILE A 118 -2.66 13.39 10.38
C ILE A 118 -1.64 12.28 10.10
N ALA A 119 -1.70 11.69 8.91
CA ALA A 119 -0.78 10.64 8.53
C ALA A 119 0.65 11.18 8.49
N LEU A 120 0.81 12.35 7.89
CA LEU A 120 2.13 12.97 7.81
C LEU A 120 2.65 13.28 9.21
N GLU A 121 1.78 13.84 10.06
CA GLU A 121 2.16 14.18 11.43
C GLU A 121 2.51 12.92 12.24
N ARG A 122 1.84 11.81 11.92
CA ARG A 122 2.07 10.54 12.61
C ARG A 122 3.21 9.77 11.96
N ASN A 123 3.85 10.42 10.99
CA ASN A 123 4.97 9.84 10.25
C ASN A 123 4.64 8.50 9.58
N LYS A 124 3.45 8.40 8.99
CA LYS A 124 3.06 7.17 8.32
C LYS A 124 3.53 7.21 6.86
N LYS A 125 4.08 6.10 6.38
CA LYS A 125 4.59 5.98 5.01
C LYS A 125 3.50 6.03 3.94
N ASN A 126 2.32 5.51 4.25
CA ASN A 126 1.26 5.54 3.27
C ASN A 126 -0.13 5.60 3.88
N ILE A 127 -1.09 6.04 3.07
CA ILE A 127 -2.47 6.17 3.49
C ILE A 127 -3.29 5.31 2.54
N TRP A 128 -4.33 4.66 3.06
CA TRP A 128 -5.16 3.78 2.24
C TRP A 128 -6.60 3.77 2.70
N LEU A 129 -7.44 3.10 1.90
CA LEU A 129 -8.85 2.97 2.22
C LEU A 129 -9.46 1.87 1.38
N GLY A 130 -10.63 1.41 1.80
CA GLY A 130 -11.35 0.39 1.07
C GLY A 130 -12.60 1.07 0.56
N VAL A 131 -12.98 0.81 -0.69
CA VAL A 131 -14.20 1.40 -1.25
C VAL A 131 -14.95 0.46 -2.18
N TRP A 132 -16.25 0.32 -1.93
CA TRP A 132 -17.11 -0.54 -2.73
C TRP A 132 -16.98 -0.17 -4.21
N GLU A 133 -16.68 -1.17 -5.04
CA GLU A 133 -16.49 -0.93 -6.47
C GLU A 133 -17.65 -0.19 -7.15
N LYS A 134 -18.88 -0.36 -6.62
CA LYS A 134 -20.05 0.30 -7.20
C LYS A 134 -20.15 1.79 -6.85
N ASN A 135 -19.38 2.23 -5.86
CA ASN A 135 -19.41 3.63 -5.46
C ASN A 135 -18.52 4.45 -6.39
N GLU A 136 -19.00 4.65 -7.62
CA GLU A 136 -18.27 5.41 -8.63
C GLU A 136 -17.95 6.84 -8.23
N ASN A 137 -18.87 7.49 -7.53
CA ASN A 137 -18.64 8.87 -7.10
C ASN A 137 -17.43 8.93 -6.16
N ALA A 138 -17.38 8.04 -5.18
CA ALA A 138 -16.25 8.05 -4.24
C ALA A 138 -14.93 7.68 -4.90
N ILE A 139 -14.96 6.71 -5.82
CA ILE A 139 -13.75 6.29 -6.51
C ILE A 139 -13.17 7.45 -7.31
N ALA A 140 -14.03 8.16 -8.03
CA ALA A 140 -13.60 9.30 -8.83
C ALA A 140 -13.01 10.39 -7.94
N PHE A 141 -13.62 10.61 -6.78
CA PHE A 141 -13.14 11.60 -5.82
C PHE A 141 -11.73 11.21 -5.35
N TYR A 142 -11.58 9.98 -4.89
CA TYR A 142 -10.28 9.51 -4.41
C TYR A 142 -9.18 9.61 -5.47
N LYS A 143 -9.49 9.24 -6.71
CA LYS A 143 -8.50 9.31 -7.80
C LYS A 143 -8.08 10.77 -8.02
N LYS A 144 -9.03 11.68 -7.91
CA LYS A 144 -8.74 13.09 -8.08
C LYS A 144 -7.81 13.51 -6.95
N MSE A 145 -8.00 12.93 -5.77
CA MSE A 145 -7.16 13.27 -4.63
C MSE A 145 -5.80 12.56 -4.63
O MSE A 145 -5.04 12.68 -3.67
CB MSE A 145 -7.90 12.97 -3.30
CG MSE A 145 -9.21 13.77 -3.12
SE MSE A 145 -8.95 15.70 -3.17
CE MSE A 145 -9.31 16.01 -5.03
N GLY A 146 -5.49 11.83 -5.69
CA GLY A 146 -4.20 11.17 -5.79
C GLY A 146 -4.10 9.72 -5.39
N PHE A 147 -5.21 9.11 -5.02
CA PHE A 147 -5.21 7.70 -4.63
C PHE A 147 -5.29 6.81 -5.87
N VAL A 148 -4.69 5.62 -5.78
CA VAL A 148 -4.70 4.67 -6.88
C VAL A 148 -5.07 3.28 -6.39
N GLN A 149 -5.73 2.51 -7.24
CA GLN A 149 -6.14 1.16 -6.86
C GLN A 149 -4.93 0.23 -6.88
N THR A 150 -4.65 -0.38 -5.73
CA THR A 150 -3.53 -1.31 -5.61
C THR A 150 -4.01 -2.74 -5.50
N GLY A 151 -5.31 -2.91 -5.23
CA GLY A 151 -5.85 -4.25 -5.12
C GLY A 151 -7.38 -4.26 -5.09
N ALA A 152 -7.95 -5.45 -4.98
CA ALA A 152 -9.39 -5.61 -4.94
C ALA A 152 -9.68 -7.00 -4.43
N HIS A 153 -10.65 -7.10 -3.53
CA HIS A 153 -11.01 -8.41 -2.97
C HIS A 153 -12.52 -8.44 -2.75
N SER A 154 -13.08 -9.64 -2.71
CA SER A 154 -14.51 -9.76 -2.51
C SER A 154 -14.88 -9.68 -1.03
N PHE A 155 -16.09 -9.20 -0.74
CA PHE A 155 -16.60 -9.11 0.63
C PHE A 155 -18.11 -9.33 0.57
N TYR A 156 -18.69 -9.77 1.68
CA TYR A 156 -20.12 -10.03 1.73
C TYR A 156 -20.94 -8.81 2.18
N MSE A 157 -21.88 -8.41 1.34
CA MSE A 157 -22.78 -7.31 1.64
C MSE A 157 -24.16 -7.96 1.75
O MSE A 157 -24.73 -8.40 0.75
CB MSE A 157 -22.79 -6.27 0.51
CG MSE A 157 -23.65 -5.05 0.81
SE MSE A 157 -23.62 -3.72 -0.63
CE MSE A 157 -21.98 -2.81 -0.16
N GLY A 158 -24.68 -8.03 2.97
CA GLY A 158 -25.97 -8.66 3.18
C GLY A 158 -25.82 -10.16 3.06
N ASP A 159 -26.23 -10.71 1.92
CA ASP A 159 -26.15 -12.15 1.69
C ASP A 159 -25.50 -12.42 0.33
N GLU A 160 -24.90 -11.39 -0.26
CA GLU A 160 -24.26 -11.51 -1.57
C GLU A 160 -22.87 -10.88 -1.59
N GLU A 161 -21.97 -11.42 -2.40
CA GLU A 161 -20.62 -10.88 -2.46
C GLU A 161 -20.54 -9.64 -3.35
N GLN A 162 -19.68 -8.72 -2.95
CA GLN A 162 -19.43 -7.49 -3.68
C GLN A 162 -17.92 -7.32 -3.74
N THR A 163 -17.46 -6.32 -4.48
CA THR A 163 -16.01 -6.08 -4.59
C THR A 163 -15.58 -4.82 -3.87
N ASP A 164 -14.52 -4.94 -3.08
CA ASP A 164 -13.96 -3.84 -2.32
C ASP A 164 -12.64 -3.47 -3.01
N LEU A 165 -12.48 -2.21 -3.40
CA LEU A 165 -11.24 -1.80 -4.04
C LEU A 165 -10.31 -1.20 -2.99
N ILE A 166 -9.05 -1.61 -3.01
CA ILE A 166 -8.07 -1.09 -2.08
C ILE A 166 -7.34 0.03 -2.82
N MSE A 167 -7.43 1.25 -2.30
CA MSE A 167 -6.80 2.39 -2.93
C MSE A 167 -5.82 3.02 -1.95
O MSE A 167 -6.08 3.08 -0.74
CB MSE A 167 -7.88 3.39 -3.36
CG MSE A 167 -8.81 2.81 -4.41
SE MSE A 167 -10.01 4.13 -5.08
CE MSE A 167 -8.86 4.86 -6.45
N ALA A 168 -4.68 3.48 -2.46
CA ALA A 168 -3.68 4.03 -1.57
C ALA A 168 -2.80 5.08 -2.22
N LYS A 169 -1.97 5.69 -1.39
CA LYS A 169 -1.03 6.70 -1.84
C LYS A 169 0.15 6.70 -0.88
N THR A 170 1.34 6.78 -1.46
CA THR A 170 2.56 6.80 -0.68
C THR A 170 2.86 8.24 -0.29
N LEU A 171 3.23 8.45 0.96
CA LEU A 171 3.53 9.78 1.46
C LEU A 171 5.04 9.99 1.63
N ILE A 172 5.44 10.62 2.72
CA ILE A 172 6.84 10.90 2.99
C ILE A 172 7.61 9.63 3.34
N LEU A 173 8.76 9.45 2.71
CA LEU A 173 9.57 8.27 2.97
C LEU A 173 10.94 8.64 3.56
N GLU A 174 11.25 9.94 3.56
CA GLU A 174 12.51 10.43 4.08
C GLU A 174 12.72 10.01 5.54
N SER B 2 14.81 -26.16 -19.83
CA SER B 2 14.90 -26.60 -18.42
C SER B 2 15.25 -25.42 -17.52
N VAL B 3 14.24 -24.85 -16.87
CA VAL B 3 14.41 -23.72 -15.98
C VAL B 3 14.32 -24.13 -14.52
N LYS B 4 15.28 -23.69 -13.71
CA LYS B 4 15.30 -24.01 -12.29
C LYS B 4 15.80 -22.83 -11.47
N MSE B 5 15.35 -22.76 -10.23
CA MSE B 5 15.76 -21.68 -9.33
C MSE B 5 16.41 -22.28 -8.10
O MSE B 5 16.14 -23.42 -7.73
CB MSE B 5 14.56 -20.82 -8.92
CG MSE B 5 14.00 -19.95 -10.05
SE MSE B 5 12.56 -18.78 -9.47
CE MSE B 5 11.06 -19.89 -9.98
N LYS B 6 17.29 -21.50 -7.47
CA LYS B 6 17.96 -21.99 -6.27
C LYS B 6 18.27 -20.81 -5.36
N LYS B 7 18.11 -21.02 -4.05
CA LYS B 7 18.38 -19.99 -3.07
C LYS B 7 19.89 -19.77 -3.01
N CYS B 8 20.32 -18.51 -2.86
CA CYS B 8 21.74 -18.21 -2.80
C CYS B 8 22.33 -18.38 -1.42
N SER B 9 23.61 -18.77 -1.39
CA SER B 9 24.33 -18.97 -0.14
C SER B 9 25.47 -17.96 -0.04
N ARG B 10 26.13 -17.92 1.11
CA ARG B 10 27.23 -17.00 1.30
C ARG B 10 28.34 -17.28 0.29
N GLU B 11 28.41 -18.53 -0.16
CA GLU B 11 29.42 -18.96 -1.14
C GLU B 11 29.19 -18.39 -2.53
N ASP B 12 27.94 -17.99 -2.80
CA ASP B 12 27.59 -17.45 -4.09
C ASP B 12 27.90 -15.97 -4.21
N LEU B 13 28.58 -15.44 -3.20
CA LEU B 13 28.96 -14.04 -3.15
C LEU B 13 29.58 -13.54 -4.45
N GLN B 14 30.66 -14.21 -4.87
CA GLN B 14 31.35 -13.83 -6.09
C GLN B 14 30.46 -13.92 -7.32
N THR B 15 29.72 -15.02 -7.44
CA THR B 15 28.83 -15.21 -8.58
C THR B 15 27.79 -14.11 -8.62
N LEU B 16 27.18 -13.82 -7.48
CA LEU B 16 26.18 -12.76 -7.40
C LEU B 16 26.76 -11.43 -7.86
N GLN B 17 27.96 -11.12 -7.38
CA GLN B 17 28.63 -9.88 -7.73
C GLN B 17 28.76 -9.73 -9.25
N GLN B 18 29.31 -10.75 -9.91
CA GLN B 18 29.48 -10.69 -11.36
C GLN B 18 28.14 -10.51 -12.06
N LEU B 19 27.16 -11.31 -11.65
CA LEU B 19 25.83 -11.24 -12.24
C LEU B 19 25.25 -9.84 -12.05
N SER B 20 25.58 -9.21 -10.92
CA SER B 20 25.09 -7.87 -10.62
C SER B 20 25.83 -6.83 -11.47
N ILE B 21 27.12 -7.07 -11.70
CA ILE B 21 27.95 -6.16 -12.49
C ILE B 21 27.53 -6.12 -13.96
N GLU B 22 27.35 -7.30 -14.55
CA GLU B 22 26.96 -7.38 -15.96
C GLU B 22 25.54 -6.88 -16.20
N THR B 23 24.61 -7.32 -15.37
CA THR B 23 23.21 -6.92 -15.52
C THR B 23 23.01 -5.43 -15.26
N PHE B 24 23.92 -4.83 -14.51
CA PHE B 24 23.84 -3.41 -14.19
C PHE B 24 24.70 -2.59 -15.16
N ASN B 25 25.71 -3.24 -15.72
CA ASN B 25 26.62 -2.58 -16.65
C ASN B 25 25.85 -2.00 -17.82
N ASP B 26 25.56 -2.84 -18.82
CA ASP B 26 24.82 -2.42 -20.00
C ASP B 26 23.67 -3.37 -20.29
N GLU B 35 30.42 6.92 -14.95
CA GLU B 35 30.82 8.09 -14.17
C GLU B 35 29.99 8.15 -12.88
N ASN B 36 28.81 8.75 -12.98
CA ASN B 36 27.91 8.87 -11.84
C ASN B 36 27.32 7.52 -11.50
N MSE B 37 27.19 6.65 -12.52
CA MSE B 37 26.64 5.33 -12.32
C MSE B 37 27.70 4.38 -11.76
O MSE B 37 27.38 3.43 -11.05
CB MSE B 37 26.11 4.80 -13.66
CG MSE B 37 25.10 3.67 -13.54
SE MSE B 37 24.38 3.19 -15.28
CE MSE B 37 25.37 1.56 -15.58
N LYS B 38 28.96 4.65 -12.09
CA LYS B 38 30.08 3.84 -11.61
C LYS B 38 30.18 3.94 -10.10
N ALA B 39 29.98 5.14 -9.57
CA ALA B 39 30.05 5.37 -8.13
C ALA B 39 28.97 4.56 -7.43
N TYR B 40 27.76 4.58 -7.99
CA TYR B 40 26.63 3.85 -7.41
C TYR B 40 26.85 2.35 -7.57
N LEU B 41 27.65 1.98 -8.57
CA LEU B 41 27.96 0.58 -8.85
C LEU B 41 28.86 0.00 -7.77
N GLU B 42 30.02 0.60 -7.58
CA GLU B 42 31.00 0.15 -6.61
C GLU B 42 30.49 0.23 -5.17
N SER B 43 29.59 1.17 -4.91
CA SER B 43 29.04 1.35 -3.57
C SER B 43 27.74 0.59 -3.38
N ALA B 44 27.54 -0.47 -4.17
CA ALA B 44 26.33 -1.27 -4.09
C ALA B 44 26.62 -2.75 -4.24
N PHE B 45 27.44 -3.09 -5.24
CA PHE B 45 27.78 -4.49 -5.50
C PHE B 45 29.19 -4.82 -5.02
N ASN B 46 29.65 -4.09 -4.01
CA ASN B 46 30.97 -4.32 -3.46
C ASN B 46 31.01 -5.62 -2.67
N THR B 47 32.15 -6.30 -2.70
CA THR B 47 32.31 -7.57 -1.99
C THR B 47 31.81 -7.54 -0.55
N GLU B 48 32.23 -6.53 0.20
CA GLU B 48 31.84 -6.39 1.59
C GLU B 48 30.33 -6.12 1.73
N GLN B 49 29.83 -5.23 0.88
CA GLN B 49 28.41 -4.88 0.88
C GLN B 49 27.53 -6.10 0.61
N LEU B 50 27.83 -6.82 -0.47
CA LEU B 50 27.07 -8.01 -0.82
C LEU B 50 27.13 -9.09 0.25
N GLU B 51 28.27 -9.20 0.94
CA GLU B 51 28.41 -10.21 1.97
C GLU B 51 27.45 -9.93 3.12
N LYS B 52 27.24 -8.65 3.41
CA LYS B 52 26.34 -8.26 4.48
C LYS B 52 24.89 -8.57 4.09
N GLU B 53 24.55 -8.29 2.84
CA GLU B 53 23.20 -8.55 2.36
C GLU B 53 22.89 -10.04 2.38
N LEU B 54 23.87 -10.86 1.99
CA LEU B 54 23.69 -12.30 1.98
C LEU B 54 23.56 -12.85 3.40
N SER B 55 24.09 -12.11 4.36
CA SER B 55 24.05 -12.51 5.76
C SER B 55 22.82 -12.00 6.49
N ASN B 56 22.06 -11.12 5.83
CA ASN B 56 20.87 -10.56 6.43
C ASN B 56 19.73 -11.58 6.49
N MSE B 57 19.24 -11.85 7.70
CA MSE B 57 18.16 -12.82 7.89
C MSE B 57 16.87 -12.43 7.20
O MSE B 57 16.08 -13.29 6.82
CB MSE B 57 17.85 -12.96 9.38
CG MSE B 57 18.79 -13.87 10.15
SE MSE B 57 18.16 -14.05 11.98
CE MSE B 57 16.52 -15.01 11.62
N SER B 58 16.64 -11.13 7.02
CA SER B 58 15.41 -10.68 6.40
C SER B 58 15.54 -10.41 4.90
N SER B 59 16.64 -10.88 4.32
CA SER B 59 16.87 -10.73 2.88
C SER B 59 17.08 -12.12 2.32
N GLN B 60 16.72 -12.30 1.05
CA GLN B 60 16.89 -13.58 0.41
C GLN B 60 17.18 -13.40 -1.07
N PHE B 61 18.18 -14.12 -1.56
CA PHE B 61 18.56 -14.05 -2.98
C PHE B 61 18.29 -15.38 -3.66
N PHE B 62 17.81 -15.30 -4.90
CA PHE B 62 17.52 -16.49 -5.69
C PHE B 62 18.15 -16.39 -7.07
N PHE B 63 18.75 -17.48 -7.55
CA PHE B 63 19.35 -17.55 -8.87
C PHE B 63 18.35 -18.25 -9.77
N ILE B 64 18.30 -17.88 -11.03
CA ILE B 64 17.42 -18.58 -11.98
C ILE B 64 18.35 -19.12 -13.06
N TYR B 65 18.14 -20.37 -13.45
CA TYR B 65 18.99 -21.02 -14.45
C TYR B 65 18.21 -21.45 -15.69
N PHE B 66 18.89 -21.41 -16.83
CA PHE B 66 18.30 -21.83 -18.09
C PHE B 66 19.29 -22.82 -18.72
N ASP B 67 19.09 -24.10 -18.43
CA ASP B 67 19.93 -25.16 -18.95
C ASP B 67 21.40 -25.01 -18.55
N HIS B 68 21.72 -25.37 -17.31
CA HIS B 68 23.09 -25.30 -16.80
C HIS B 68 23.65 -23.87 -16.73
N GLU B 69 23.00 -22.92 -17.38
CA GLU B 69 23.49 -21.55 -17.37
C GLU B 69 22.70 -20.60 -16.48
N ILE B 70 23.41 -19.75 -15.74
CA ILE B 70 22.76 -18.78 -14.87
C ILE B 70 22.20 -17.66 -15.73
N ALA B 71 20.90 -17.44 -15.63
CA ALA B 71 20.24 -16.41 -16.43
C ALA B 71 19.92 -15.12 -15.68
N GLY B 72 19.97 -15.13 -14.35
CA GLY B 72 19.68 -13.93 -13.60
C GLY B 72 19.40 -14.18 -12.14
N TYR B 73 18.89 -13.16 -11.43
CA TYR B 73 18.59 -13.31 -10.02
C TYR B 73 17.57 -12.30 -9.52
N VAL B 74 17.10 -12.52 -8.30
CA VAL B 74 16.16 -11.63 -7.65
C VAL B 74 16.54 -11.53 -6.18
N LYS B 75 16.30 -10.37 -5.58
CA LYS B 75 16.56 -10.18 -4.16
C LYS B 75 15.28 -9.64 -3.53
N VAL B 76 14.83 -10.28 -2.46
CA VAL B 76 13.64 -9.82 -1.76
C VAL B 76 14.01 -9.45 -0.33
N ASN B 77 13.25 -8.52 0.26
CA ASN B 77 13.47 -8.06 1.63
C ASN B 77 12.15 -8.06 2.39
N ILE B 78 12.21 -8.30 3.69
CA ILE B 78 11.04 -8.22 4.54
C ILE B 78 11.49 -7.48 5.79
N ASP B 79 10.53 -7.02 6.58
CA ASP B 79 10.81 -6.29 7.82
C ASP B 79 11.86 -5.19 7.71
N ASP B 80 12.82 -5.18 8.63
CA ASP B 80 13.85 -4.15 8.63
C ASP B 80 14.90 -4.25 7.53
N ALA B 81 14.73 -5.19 6.60
CA ALA B 81 15.68 -5.32 5.50
C ALA B 81 15.26 -4.44 4.32
N GLN B 82 13.98 -4.10 4.25
CA GLN B 82 13.47 -3.28 3.16
C GLN B 82 14.19 -1.94 3.05
N SER B 83 14.51 -1.55 1.81
CA SER B 83 15.22 -0.30 1.56
C SER B 83 14.41 0.90 2.02
N GLU B 84 13.13 0.67 2.29
CA GLU B 84 12.22 1.71 2.78
C GLU B 84 11.46 1.10 3.95
N GLU B 85 11.18 1.91 4.97
CA GLU B 85 10.48 1.43 6.17
C GLU B 85 8.98 1.26 5.94
N MSE B 86 8.64 0.29 5.09
CA MSE B 86 7.25 0.01 4.75
C MSE B 86 6.49 -0.79 5.81
O MSE B 86 5.25 -0.80 5.80
CB MSE B 86 7.19 -0.70 3.40
CG MSE B 86 6.44 0.06 2.32
SE MSE B 86 7.00 1.91 2.18
CE MSE B 86 7.57 1.95 0.33
N GLY B 87 7.21 -1.43 6.71
CA GLY B 87 6.53 -2.19 7.77
C GLY B 87 6.66 -3.70 7.70
N ALA B 88 6.11 -4.36 8.71
CA ALA B 88 6.16 -5.82 8.82
C ALA B 88 5.06 -6.55 8.05
N GLU B 89 4.30 -5.83 7.24
CA GLU B 89 3.23 -6.48 6.48
C GLU B 89 3.48 -6.40 4.98
N SER B 90 4.74 -6.19 4.61
CA SER B 90 5.05 -6.08 3.18
C SER B 90 6.36 -6.73 2.82
N LEU B 91 6.52 -7.04 1.54
CA LEU B 91 7.74 -7.63 1.04
C LEU B 91 8.25 -6.75 -0.08
N GLU B 92 9.56 -6.54 -0.12
CA GLU B 92 10.17 -5.72 -1.15
C GLU B 92 10.93 -6.56 -2.17
N ILE B 93 10.83 -6.18 -3.44
CA ILE B 93 11.59 -6.83 -4.50
C ILE B 93 12.62 -5.71 -4.71
N GLU B 94 13.81 -5.88 -4.14
CA GLU B 94 14.83 -4.84 -4.28
C GLU B 94 15.54 -4.91 -5.61
N ARG B 95 15.75 -6.13 -6.09
CA ARG B 95 16.43 -6.31 -7.36
C ARG B 95 15.93 -7.51 -8.11
N ILE B 96 15.94 -7.39 -9.43
CA ILE B 96 15.52 -8.46 -10.31
C ILE B 96 16.24 -8.17 -11.63
N TYR B 97 16.99 -9.15 -12.11
CA TYR B 97 17.75 -8.99 -13.33
C TYR B 97 17.80 -10.27 -14.14
N ILE B 98 17.71 -10.12 -15.45
CA ILE B 98 17.79 -11.23 -16.38
C ILE B 98 18.78 -10.83 -17.46
N LYS B 99 19.70 -11.72 -17.81
CA LYS B 99 20.69 -11.41 -18.85
C LYS B 99 19.99 -11.03 -20.15
N ASN B 100 20.51 -10.02 -20.82
CA ASN B 100 19.95 -9.54 -22.08
C ASN B 100 19.64 -10.68 -23.05
N SER B 101 20.59 -11.59 -23.20
CA SER B 101 20.42 -12.72 -24.10
C SER B 101 19.38 -13.72 -23.61
N PHE B 102 18.92 -13.55 -22.37
CA PHE B 102 17.92 -14.46 -21.82
C PHE B 102 16.59 -13.77 -21.54
N GLN B 103 16.55 -12.46 -21.81
CA GLN B 103 15.34 -11.68 -21.59
C GLN B 103 14.23 -12.01 -22.58
N LYS B 104 13.02 -11.53 -22.28
CA LYS B 104 11.86 -11.75 -23.13
C LYS B 104 11.59 -13.24 -23.37
N HIS B 105 11.64 -14.02 -22.31
CA HIS B 105 11.41 -15.47 -22.39
C HIS B 105 10.61 -15.99 -21.19
N GLY B 106 10.15 -15.08 -20.34
CA GLY B 106 9.37 -15.48 -19.18
C GLY B 106 10.14 -15.74 -17.90
N LEU B 107 11.46 -15.57 -17.94
CA LEU B 107 12.27 -15.81 -16.76
C LEU B 107 12.03 -14.71 -15.71
N GLY B 108 11.82 -13.48 -16.17
CA GLY B 108 11.58 -12.39 -15.23
C GLY B 108 10.28 -12.65 -14.48
N LYS B 109 9.26 -13.12 -15.21
CA LYS B 109 7.97 -13.40 -14.60
C LYS B 109 8.13 -14.51 -13.57
N HIS B 110 8.99 -15.47 -13.86
CA HIS B 110 9.25 -16.58 -12.96
C HIS B 110 9.85 -16.08 -11.66
N LEU B 111 10.82 -15.17 -11.75
CA LEU B 111 11.46 -14.62 -10.56
C LEU B 111 10.46 -13.82 -9.76
N LEU B 112 9.66 -13.02 -10.44
CA LEU B 112 8.68 -12.21 -9.75
C LEU B 112 7.63 -13.10 -9.05
N ASN B 113 7.20 -14.18 -9.71
CA ASN B 113 6.23 -15.08 -9.10
C ASN B 113 6.84 -15.72 -7.85
N LYS B 114 8.15 -15.94 -7.88
CA LYS B 114 8.83 -16.51 -6.73
C LYS B 114 8.71 -15.54 -5.55
N ALA B 115 8.88 -14.24 -5.84
CA ALA B 115 8.78 -13.21 -4.81
C ALA B 115 7.36 -13.17 -4.24
N ILE B 116 6.38 -13.28 -5.13
CA ILE B 116 4.99 -13.28 -4.70
C ILE B 116 4.71 -14.47 -3.79
N GLU B 117 5.25 -15.63 -4.17
CA GLU B 117 5.07 -16.86 -3.39
C GLU B 117 5.56 -16.66 -1.97
N ILE B 118 6.76 -16.09 -1.85
CA ILE B 118 7.36 -15.83 -0.55
C ILE B 118 6.48 -14.86 0.22
N ALA B 119 6.05 -13.79 -0.46
CA ALA B 119 5.18 -12.80 0.18
C ALA B 119 3.95 -13.50 0.74
N LEU B 120 3.28 -14.30 -0.09
CA LEU B 120 2.08 -15.01 0.36
C LEU B 120 2.41 -15.95 1.52
N GLU B 121 3.55 -16.64 1.44
CA GLU B 121 3.98 -17.56 2.49
C GLU B 121 4.22 -16.84 3.81
N ARG B 122 4.79 -15.65 3.72
CA ARG B 122 5.08 -14.84 4.90
C ARG B 122 3.84 -14.09 5.36
N ASN B 123 2.73 -14.33 4.66
CA ASN B 123 1.46 -13.68 4.99
C ASN B 123 1.53 -12.16 4.84
N LYS B 124 2.35 -11.69 3.90
CA LYS B 124 2.48 -10.25 3.68
C LYS B 124 1.25 -9.75 2.92
N LYS B 125 0.81 -8.54 3.27
CA LYS B 125 -0.37 -7.95 2.66
C LYS B 125 -0.04 -7.21 1.36
N ASN B 126 1.16 -6.66 1.28
CA ASN B 126 1.54 -5.91 0.08
C ASN B 126 2.94 -6.20 -0.40
N ILE B 127 3.13 -6.08 -1.71
CA ILE B 127 4.44 -6.28 -2.30
C ILE B 127 4.74 -5.00 -3.05
N TRP B 128 5.96 -4.50 -2.90
CA TRP B 128 6.34 -3.25 -3.55
C TRP B 128 7.79 -3.27 -3.99
N LEU B 129 8.17 -2.18 -4.64
CA LEU B 129 9.52 -2.03 -5.12
C LEU B 129 9.74 -0.59 -5.54
N GLY B 130 11.00 -0.20 -5.61
CA GLY B 130 11.32 1.14 -6.04
C GLY B 130 12.09 0.97 -7.34
N VAL B 131 11.61 1.60 -8.42
CA VAL B 131 12.29 1.49 -9.72
C VAL B 131 12.70 2.86 -10.28
N TRP B 132 13.94 2.95 -10.73
CA TRP B 132 14.45 4.19 -11.30
C TRP B 132 13.48 4.68 -12.39
N GLU B 133 13.09 5.95 -12.31
CA GLU B 133 12.14 6.52 -13.27
C GLU B 133 12.63 6.44 -14.72
N LYS B 134 13.95 6.31 -14.89
CA LYS B 134 14.53 6.25 -16.23
C LYS B 134 14.54 4.83 -16.79
N ASN B 135 14.30 3.85 -15.91
CA ASN B 135 14.29 2.46 -16.33
C ASN B 135 12.92 2.10 -16.89
N GLU B 136 12.61 2.65 -18.07
CA GLU B 136 11.32 2.42 -18.72
C GLU B 136 11.00 0.95 -18.98
N ASN B 137 12.03 0.15 -19.26
CA ASN B 137 11.81 -1.28 -19.52
C ASN B 137 11.29 -2.00 -18.28
N ALA B 138 11.88 -1.71 -17.13
CA ALA B 138 11.46 -2.34 -15.88
C ALA B 138 10.05 -1.92 -15.50
N ILE B 139 9.77 -0.63 -15.63
CA ILE B 139 8.45 -0.09 -15.31
C ILE B 139 7.36 -0.79 -16.12
N ALA B 140 7.58 -0.92 -17.43
CA ALA B 140 6.60 -1.57 -18.28
C ALA B 140 6.37 -3.02 -17.82
N PHE B 141 7.44 -3.68 -17.42
CA PHE B 141 7.38 -5.05 -16.93
C PHE B 141 6.51 -5.15 -15.68
N TYR B 142 6.78 -4.29 -14.71
CA TYR B 142 6.02 -4.29 -13.46
C TYR B 142 4.56 -3.92 -13.70
N LYS B 143 4.31 -2.98 -14.60
CA LYS B 143 2.93 -2.61 -14.89
C LYS B 143 2.18 -3.80 -15.47
N LYS B 144 2.82 -4.52 -16.37
CA LYS B 144 2.20 -5.69 -16.98
C LYS B 144 1.96 -6.79 -15.95
N MSE B 145 2.81 -6.82 -14.92
CA MSE B 145 2.67 -7.83 -13.87
C MSE B 145 1.62 -7.45 -12.83
O MSE B 145 1.38 -8.20 -11.89
CB MSE B 145 4.01 -8.08 -13.20
CG MSE B 145 5.08 -8.65 -14.12
SE MSE B 145 4.57 -10.33 -14.93
CE MSE B 145 3.71 -9.67 -16.51
N GLY B 146 1.03 -6.27 -12.96
CA GLY B 146 0.00 -5.85 -12.02
C GLY B 146 0.37 -4.80 -11.00
N PHE B 147 1.58 -4.24 -11.08
CA PHE B 147 2.00 -3.22 -10.13
C PHE B 147 1.55 -1.82 -10.57
N VAL B 148 1.28 -0.95 -9.61
CA VAL B 148 0.86 0.41 -9.93
C VAL B 148 1.70 1.39 -9.11
N GLN B 149 1.96 2.56 -9.68
CA GLN B 149 2.75 3.57 -8.98
C GLN B 149 1.92 4.25 -7.90
N THR B 150 2.44 4.25 -6.68
CA THR B 150 1.76 4.86 -5.56
C THR B 150 2.44 6.14 -5.12
N GLY B 151 3.68 6.33 -5.53
CA GLY B 151 4.40 7.54 -5.17
C GLY B 151 5.77 7.60 -5.82
N ALA B 152 6.60 8.50 -5.32
CA ALA B 152 7.95 8.66 -5.88
C ALA B 152 8.87 9.12 -4.76
N HIS B 153 10.13 8.75 -4.85
CA HIS B 153 11.11 9.11 -3.83
C HIS B 153 12.50 9.27 -4.43
N SER B 154 13.17 10.37 -4.10
CA SER B 154 14.50 10.60 -4.65
C SER B 154 15.59 9.81 -3.95
N PHE B 155 16.70 9.59 -4.66
CA PHE B 155 17.86 8.91 -4.12
C PHE B 155 19.10 9.43 -4.82
N TYR B 156 20.26 9.20 -4.23
CA TYR B 156 21.51 9.66 -4.81
C TYR B 156 22.28 8.55 -5.49
N MSE B 157 22.76 8.86 -6.69
CA MSE B 157 23.56 7.94 -7.49
C MSE B 157 24.90 8.63 -7.58
O MSE B 157 25.18 9.37 -8.52
CB MSE B 157 22.93 7.78 -8.88
CG MSE B 157 23.48 6.65 -9.71
SE MSE B 157 22.22 6.16 -11.09
CE MSE B 157 21.29 4.73 -10.17
N GLY B 158 25.76 8.40 -6.59
CA GLY B 158 27.05 9.06 -6.54
C GLY B 158 26.78 10.44 -5.97
N ASP B 159 26.86 11.47 -6.79
CA ASP B 159 26.58 12.83 -6.32
C ASP B 159 25.41 13.38 -7.13
N GLU B 160 24.84 12.53 -7.98
CA GLU B 160 23.72 12.89 -8.83
C GLU B 160 22.41 12.38 -8.26
N GLU B 161 21.49 13.29 -7.97
CA GLU B 161 20.20 12.91 -7.42
C GLU B 161 19.29 12.33 -8.50
N GLN B 162 18.65 11.20 -8.19
CA GLN B 162 17.74 10.55 -9.13
C GLN B 162 16.37 10.36 -8.49
N THR B 163 15.40 9.91 -9.28
CA THR B 163 14.04 9.69 -8.79
C THR B 163 13.61 8.23 -8.96
N ASP B 164 13.05 7.67 -7.89
CA ASP B 164 12.60 6.29 -7.91
C ASP B 164 11.08 6.27 -7.83
N LEU B 165 10.45 5.46 -8.66
CA LEU B 165 9.00 5.36 -8.63
C LEU B 165 8.63 4.25 -7.65
N ILE B 166 7.70 4.53 -6.76
CA ILE B 166 7.27 3.54 -5.80
C ILE B 166 6.09 2.80 -6.43
N MSE B 167 6.24 1.50 -6.66
CA MSE B 167 5.17 0.71 -7.26
C MSE B 167 4.78 -0.41 -6.32
O MSE B 167 5.62 -0.93 -5.57
CB MSE B 167 5.62 0.16 -8.62
CG MSE B 167 5.96 1.27 -9.63
SE MSE B 167 6.39 0.56 -11.37
CE MSE B 167 4.59 0.44 -12.07
N ALA B 168 3.50 -0.80 -6.33
CA ALA B 168 3.07 -1.85 -5.43
C ALA B 168 1.84 -2.61 -5.89
N LYS B 169 1.53 -3.69 -5.16
CA LYS B 169 0.38 -4.52 -5.47
C LYS B 169 -0.10 -5.13 -4.15
N THR B 170 -1.40 -5.02 -3.90
CA THR B 170 -1.97 -5.59 -2.68
C THR B 170 -2.24 -7.07 -2.94
N LEU B 171 -1.81 -7.91 -2.01
CA LEU B 171 -2.01 -9.34 -2.15
C LEU B 171 -3.26 -9.75 -1.39
N ILE B 172 -3.21 -10.90 -0.74
CA ILE B 172 -4.36 -11.40 0.02
C ILE B 172 -4.45 -10.73 1.39
N LEU B 173 -5.55 -10.02 1.63
CA LEU B 173 -5.74 -9.35 2.92
C LEU B 173 -6.40 -10.30 3.90
N GLU B 174 -7.22 -11.20 3.37
CA GLU B 174 -7.93 -12.17 4.19
C GLU B 174 -8.33 -13.36 3.31
N HIS B 175 -8.04 -14.57 3.78
CA HIS B 175 -8.39 -15.77 3.03
C HIS B 175 -9.88 -16.05 3.19
N HIS B 176 -10.51 -16.52 2.12
CA HIS B 176 -11.94 -16.81 2.12
C HIS B 176 -12.32 -18.10 2.85
N HIS B 177 -11.38 -19.02 2.99
CA HIS B 177 -11.64 -20.28 3.67
C HIS B 177 -10.79 -20.43 4.92
N1A COA C . -15.99 12.84 -10.32
C2A COA C . -14.89 13.69 -10.73
N3A COA C . -14.45 14.60 -9.70
C4A COA C . -15.09 14.64 -8.37
C5A COA C . -16.15 13.79 -7.97
C6A COA C . -16.62 12.88 -9.00
N6A COA C . -17.69 11.99 -8.71
N7A COA C . -16.53 14.06 -6.68
C8A COA C . -15.67 15.09 -6.27
N9A COA C . -14.78 15.44 -7.31
C1B COA C . -13.76 16.43 -7.35
C2B COA C . -14.17 17.91 -7.46
O2B COA C . -14.34 18.43 -8.75
C3B COA C . -13.17 18.67 -6.61
O3B COA C . -12.17 19.27 -7.46
P3B COA C . -11.18 20.39 -7.00
O7A COA C . -11.83 21.57 -6.47
O8A COA C . -10.26 19.88 -5.98
O9A COA C . -10.38 20.69 -8.19
C4B COA C . -12.58 17.69 -5.69
O4B COA C . -12.87 16.36 -6.20
C5B COA C . -13.30 18.21 -4.43
O5B COA C . -14.36 17.34 -4.04
P1A COA C . -15.48 17.66 -2.88
O1A COA C . -14.88 17.98 -1.64
O2A COA C . -16.43 18.76 -3.28
O3A COA C . -16.26 16.30 -2.90
P2A COA C . -17.45 15.95 -1.95
O4A COA C . -17.75 17.03 -1.03
O5A COA C . -18.61 15.66 -2.73
O6A COA C . -17.26 14.72 -1.24
CBP COA C . -17.32 12.44 -0.69
CCP COA C . -16.35 13.68 -1.10
CDP COA C . -16.68 12.41 0.74
CEP COA C . -17.00 11.08 -1.46
CAP COA C . -18.98 12.88 -0.66
OAP COA C . -19.26 12.78 -2.10
C9P COA C . -19.77 11.83 0.12
O9P COA C . -19.66 11.83 1.33
N8P COA C . -20.60 10.92 -0.57
C7P COA C . -21.44 9.86 -0.05
C6P COA C . -20.74 8.79 0.87
C5P COA C . -19.48 8.09 0.35
O5P COA C . -19.45 7.55 -0.77
N4P COA C . -18.36 8.13 1.22
C3P COA C . -17.05 7.56 0.99
C2P COA C . -17.06 5.97 0.91
S1P COA C . -18.24 5.22 2.10
O3A COA D . -18.57 -2.42 9.75
P2A COA D . -17.94 -3.16 8.70
O4A COA D . -18.59 -4.47 8.56
O5A COA D . -16.42 -3.30 9.01
O6A COA D . -18.23 -2.32 7.54
CBP COA D . -19.09 -2.10 5.31
CCP COA D . -17.77 -2.11 6.24
CDP COA D . -20.48 -2.33 6.05
CEP COA D . -18.93 -0.58 4.96
CAP COA D . -18.92 -3.08 3.92
OAP COA D . -20.05 -2.68 3.09
C9P COA D . -17.59 -2.89 3.17
O9P COA D . -16.57 -3.32 3.68
N8P COA D . -17.61 -2.26 1.92
C7P COA D . -16.48 -1.92 1.09
C6P COA D . -15.68 -0.64 1.50
C5P COA D . -16.48 0.63 1.66
O5P COA D . -17.12 1.11 0.73
N4P COA D . -16.42 1.21 2.95
C3P COA D . -17.05 2.44 3.40
C2P COA D . -16.11 3.68 3.16
S1P COA D . -16.88 5.25 3.74
S1 DTT E . -26.79 -3.39 5.24
C1 DTT E . -25.78 -4.84 5.79
C2 DTT E . -24.63 -5.29 4.87
O2 DTT E . -24.03 -6.40 5.52
C3 DTT E . -23.52 -4.20 4.67
O3 DTT E . -22.59 -4.83 3.78
C4 DTT E . -23.97 -2.90 3.96
S4 DTT E . -25.40 -1.93 4.57
S1 DTT F . -26.49 15.11 13.74
C1 DTT F . -26.87 15.20 11.94
C2 DTT F . -28.16 15.93 11.56
O2 DTT F . -28.24 15.87 10.14
C3 DTT F . -28.18 17.45 11.95
O3 DTT F . -29.46 17.88 11.53
C4 DTT F . -28.09 17.76 13.47
S4 DTT F . -26.69 17.10 14.46
S SO4 G . 20.87 8.38 -0.62
O1 SO4 G . 20.26 7.68 -1.76
O2 SO4 G . 22.33 8.26 -0.68
O3 SO4 G . 20.37 7.78 0.65
O4 SO4 G . 20.51 9.79 -0.66
N1A COA H . 8.07 -3.51 -22.38
C2A COA H . 6.66 -3.89 -22.40
N3A COA H . 6.39 -5.19 -21.81
C4A COA H . 7.46 -6.02 -21.22
C5A COA H . 8.83 -5.63 -21.21
C6A COA H . 9.13 -4.34 -21.80
N6A COA H . 10.48 -3.86 -21.83
N7A COA H . 9.61 -6.61 -20.60
C8A COA H . 8.69 -7.61 -20.24
N9A COA H . 7.36 -7.27 -20.62
C1B COA H . 6.13 -7.99 -20.45
C2B COA H . 5.71 -8.96 -21.59
O2B COA H . 4.60 -8.50 -22.32
C3B COA H . 5.45 -10.32 -20.92
O3B COA H . 4.11 -10.79 -21.19
P3B COA H . 3.75 -12.30 -21.47
O7A COA H . 4.47 -12.90 -22.59
O8A COA H . 4.03 -13.12 -20.25
O9A COA H . 2.31 -12.31 -21.68
C4B COA H . 5.73 -10.14 -19.47
O4B COA H . 6.11 -8.77 -19.22
C5B COA H . 6.76 -11.28 -19.29
O5B COA H . 8.08 -10.75 -19.17
P1A COA H . 9.47 -11.63 -19.07
O1A COA H . 9.45 -12.54 -17.98
O2A COA H . 9.75 -12.38 -20.35
O3A COA H . 10.52 -10.47 -18.93
P2A COA H . 12.06 -10.59 -18.79
O4A COA H . 12.51 -11.98 -18.75
O5A COA H . 12.72 -9.93 -19.89
O6A COA H . 12.61 -9.86 -17.66
CBP COA H . 13.29 -7.93 -16.37
CCP COA H . 12.14 -9.05 -16.61
CDP COA H . 13.60 -8.55 -14.96
CEP COA H . 12.73 -6.46 -16.22
CAP COA H . 14.63 -8.08 -17.44
OAP COA H . 14.07 -7.45 -18.64
C9P COA H . 15.82 -7.27 -16.93
O9P COA H . 16.42 -7.67 -15.94
N8P COA H . 16.19 -6.08 -17.63
C7P COA H . 17.26 -5.13 -17.40
C6P COA H . 17.44 -4.57 -15.93
C5P COA H . 16.25 -3.91 -15.25
O5P COA H . 15.54 -3.09 -15.84
N4P COA H . 16.01 -4.31 -13.90
C3P COA H . 14.96 -3.85 -13.02
C2P COA H . 15.51 -2.86 -11.91
S1P COA H . 15.94 -3.76 -10.38
#